data_8PA9
#
_entry.id   8PA9
#
_cell.length_a   78.597
_cell.length_b   46.314
_cell.length_c   64.010
_cell.angle_alpha   90.000
_cell.angle_beta   94.707
_cell.angle_gamma   90.000
#
_symmetry.space_group_name_H-M   'C 1 2 1'
#
loop_
_entity.id
_entity.type
_entity.pdbx_description
1 polymer 'Histidine triad nucleotide-binding protein 1'
2 non-polymer "5'-O-[(3-Indolyl)-1-Ethyl]Carbamoyl N2-methyl-2-aminoethenoadenosine"
3 water water
#
_entity_poly.entity_id   1
_entity_poly.type   'polypeptide(L)'
_entity_poly.pdbx_seq_one_letter_code
;MADEIAKAQVARPGGDTIFGKIIRKEIPAKIIFEDDRCLAFHDISPQAPTHFLVIPKKHISQISVAEDDDESLLGHLMIV
GKKCAADLGLNKGYRMVVNEGSDGGQSVYHVHLHVLGGRQMHWPPG
;
_entity_poly.pdbx_strand_id   A,B
#
# COMPACT_ATOMS: atom_id res chain seq x y z
N ARG A 12 -1.02 16.37 -22.26
CA ARG A 12 -0.01 15.96 -21.25
C ARG A 12 -0.53 14.75 -20.46
N PRO A 13 -0.26 13.49 -20.90
CA PRO A 13 -0.43 12.29 -20.07
C PRO A 13 0.32 12.37 -18.76
N GLY A 14 -0.31 11.87 -17.69
CA GLY A 14 0.25 11.89 -16.36
C GLY A 14 -0.31 13.03 -15.50
N GLY A 15 -0.94 14.02 -16.10
CA GLY A 15 -1.50 15.13 -15.32
C GLY A 15 -0.47 16.23 -15.03
N ASP A 16 -0.88 17.38 -14.44
N ASP A 16 -0.93 17.24 -14.29
CA ASP A 16 0.08 18.43 -14.18
CA ASP A 16 -0.08 18.39 -14.14
C ASP A 16 0.27 18.59 -12.67
C ASP A 16 0.41 18.52 -12.70
N THR A 17 0.08 17.54 -11.85
CA THR A 17 0.74 17.52 -10.55
C THR A 17 2.24 17.39 -10.80
N ILE A 18 3.03 17.62 -9.75
N ILE A 18 3.06 17.66 -9.77
CA ILE A 18 4.46 17.49 -9.86
CA ILE A 18 4.49 17.45 -9.87
C ILE A 18 4.85 16.05 -10.25
C ILE A 18 4.80 16.05 -10.37
N PHE A 19 3.99 15.05 -9.97
CA PHE A 19 4.27 13.68 -10.39
C PHE A 19 4.01 13.46 -11.87
N GLY A 20 3.04 14.18 -12.42
CA GLY A 20 2.88 14.18 -13.88
C GLY A 20 4.09 14.76 -14.61
N LYS A 21 4.69 15.81 -14.04
CA LYS A 21 5.87 16.42 -14.62
C LYS A 21 7.08 15.51 -14.55
N ILE A 22 7.21 14.78 -13.43
CA ILE A 22 8.25 13.76 -13.33
C ILE A 22 8.04 12.67 -14.39
N ILE A 23 6.81 12.20 -14.56
CA ILE A 23 6.54 11.19 -15.58
C ILE A 23 7.00 11.62 -16.98
N ARG A 24 6.75 12.88 -17.29
CA ARG A 24 7.13 13.40 -18.61
C ARG A 24 8.56 13.96 -18.66
N LYS A 25 9.36 13.77 -17.61
CA LYS A 25 10.78 14.13 -17.61
C LYS A 25 10.90 15.67 -17.68
N GLU A 26 9.92 16.41 -17.19
CA GLU A 26 9.95 17.87 -17.14
C GLU A 26 10.59 18.37 -15.85
N ILE A 27 10.47 17.59 -14.78
N ILE A 27 10.47 17.57 -14.80
CA ILE A 27 11.16 17.81 -13.54
CA ILE A 27 11.14 17.79 -13.53
C ILE A 27 12.06 16.59 -13.31
C ILE A 27 12.05 16.59 -13.29
N PRO A 28 13.32 16.76 -12.86
CA PRO A 28 14.21 15.64 -12.65
C PRO A 28 13.83 14.83 -11.42
N ALA A 29 14.15 13.55 -11.51
CA ALA A 29 13.97 12.63 -10.41
C ALA A 29 15.01 11.53 -10.52
N LYS A 30 15.22 10.85 -9.38
N LYS A 30 15.23 10.85 -9.39
N LYS A 30 15.21 10.79 -9.42
CA LYS A 30 16.13 9.73 -9.29
CA LYS A 30 16.16 9.73 -9.33
CA LYS A 30 16.17 9.71 -9.39
C LYS A 30 15.32 8.45 -9.46
C LYS A 30 15.35 8.44 -9.51
C LYS A 30 15.49 8.36 -9.58
N ILE A 31 15.29 7.95 -10.70
N ILE A 31 15.24 8.01 -10.77
CA ILE A 31 14.37 6.91 -11.13
CA ILE A 31 14.42 6.88 -11.19
C ILE A 31 15.03 5.54 -10.97
C ILE A 31 15.11 5.57 -10.82
N ILE A 32 14.30 4.64 -10.31
CA ILE A 32 14.73 3.29 -9.96
C ILE A 32 14.27 2.31 -11.02
N PHE A 33 13.04 2.51 -11.45
CA PHE A 33 12.39 1.60 -12.40
C PHE A 33 11.30 2.34 -13.16
N GLU A 34 11.13 1.93 -14.43
CA GLU A 34 10.10 2.52 -15.25
C GLU A 34 9.56 1.45 -16.20
N ASP A 35 8.23 1.38 -16.31
CA ASP A 35 7.59 0.61 -17.38
C ASP A 35 6.44 1.41 -17.94
N ASP A 36 5.61 0.77 -18.77
CA ASP A 36 4.51 1.44 -19.40
C ASP A 36 3.40 1.84 -18.45
N ARG A 37 3.34 1.24 -17.25
N ARG A 37 3.38 1.24 -17.25
CA ARG A 37 2.25 1.50 -16.34
CA ARG A 37 2.30 1.43 -16.31
C ARG A 37 2.67 2.34 -15.13
C ARG A 37 2.67 2.33 -15.13
N CYS A 38 3.96 2.36 -14.79
CA CYS A 38 4.35 3.03 -13.56
C CYS A 38 5.79 3.52 -13.60
N LEU A 39 6.13 4.19 -12.51
CA LEU A 39 7.43 4.78 -12.31
C LEU A 39 7.76 4.70 -10.83
N ALA A 40 9.00 4.33 -10.54
CA ALA A 40 9.50 4.25 -9.16
C ALA A 40 10.66 5.22 -9.05
N PHE A 41 10.69 6.07 -8.03
CA PHE A 41 11.74 7.07 -7.92
C PHE A 41 11.89 7.43 -6.44
N HIS A 42 13.06 7.90 -6.05
CA HIS A 42 13.36 8.21 -4.66
C HIS A 42 12.64 9.47 -4.20
N ASP A 43 12.21 9.45 -2.95
CA ASP A 43 11.53 10.60 -2.37
C ASP A 43 12.55 11.71 -2.04
N ILE A 44 12.15 12.96 -2.29
CA ILE A 44 13.01 14.10 -2.03
C ILE A 44 13.13 14.44 -0.55
N SER A 45 12.22 13.92 0.28
N SER A 45 12.22 13.91 0.27
CA SER A 45 12.25 14.16 1.72
CA SER A 45 12.22 14.16 1.71
C SER A 45 12.18 12.81 2.44
C SER A 45 12.17 12.82 2.44
N PRO A 46 13.22 11.98 2.32
CA PRO A 46 13.14 10.62 2.85
C PRO A 46 12.95 10.59 4.36
N GLN A 47 12.13 9.62 4.80
CA GLN A 47 11.81 9.43 6.21
C GLN A 47 12.42 8.14 6.75
N ALA A 48 13.23 7.49 5.91
CA ALA A 48 13.99 6.30 6.28
C ALA A 48 15.22 6.29 5.38
N PRO A 49 16.24 5.49 5.73
CA PRO A 49 17.46 5.37 4.91
C PRO A 49 17.21 5.16 3.43
N THR A 50 16.20 4.34 3.15
CA THR A 50 15.65 4.19 1.79
C THR A 50 14.18 4.58 1.85
N HIS A 51 13.78 5.44 0.91
CA HIS A 51 12.39 5.90 0.85
C HIS A 51 12.10 6.27 -0.60
N PHE A 52 11.29 5.46 -1.27
CA PHE A 52 10.96 5.73 -2.66
C PHE A 52 9.45 5.66 -2.84
N LEU A 53 8.98 6.10 -4.00
CA LEU A 53 7.59 6.16 -4.40
C LEU A 53 7.42 5.30 -5.63
N VAL A 54 6.27 4.63 -5.72
CA VAL A 54 5.83 4.03 -6.96
C VAL A 54 4.51 4.68 -7.36
N ILE A 55 4.43 5.17 -8.60
CA ILE A 55 3.24 5.88 -9.03
C ILE A 55 2.78 5.29 -10.35
N PRO A 56 1.47 5.35 -10.62
CA PRO A 56 0.98 4.99 -11.96
C PRO A 56 1.27 6.12 -12.93
N LYS A 57 1.49 5.75 -14.19
CA LYS A 57 1.60 6.75 -15.25
C LYS A 57 0.24 7.33 -15.59
N LYS A 58 -0.81 6.54 -15.46
CA LYS A 58 -2.18 7.01 -15.50
C LYS A 58 -2.45 7.88 -14.30
N HIS A 59 -2.97 9.09 -14.53
CA HIS A 59 -3.35 9.94 -13.41
C HIS A 59 -4.62 9.44 -12.74
N ILE A 60 -4.51 9.11 -11.44
CA ILE A 60 -5.60 8.85 -10.53
C ILE A 60 -5.35 9.79 -9.34
N SER A 61 -6.30 10.62 -8.93
CA SER A 61 -6.01 11.65 -7.93
C SER A 61 -5.74 11.08 -6.53
N GLN A 62 -6.44 9.99 -6.17
CA GLN A 62 -6.40 9.50 -4.80
C GLN A 62 -7.08 8.12 -4.85
N ILE A 63 -6.74 7.26 -3.91
CA ILE A 63 -7.23 5.91 -3.96
C ILE A 63 -8.74 5.88 -3.80
N SER A 64 -9.33 6.85 -3.07
N SER A 64 -9.32 6.88 -3.11
CA SER A 64 -10.77 6.87 -2.87
CA SER A 64 -10.76 6.86 -2.85
C SER A 64 -11.52 6.83 -4.19
C SER A 64 -11.59 7.02 -4.11
N VAL A 65 -10.98 7.48 -5.23
CA VAL A 65 -11.68 7.58 -6.50
C VAL A 65 -11.16 6.61 -7.57
N ALA A 66 -10.35 5.62 -7.19
CA ALA A 66 -9.89 4.60 -8.11
C ALA A 66 -11.08 3.79 -8.64
N GLU A 67 -11.02 3.48 -9.95
N GLU A 67 -11.05 3.49 -9.94
CA GLU A 67 -12.04 2.69 -10.62
CA GLU A 67 -12.15 2.73 -10.53
C GLU A 67 -11.83 1.22 -10.27
C GLU A 67 -11.85 1.25 -10.31
N ASP A 68 -12.90 0.43 -10.38
CA ASP A 68 -12.76 -1.00 -10.23
C ASP A 68 -11.72 -1.59 -11.18
N ASP A 69 -11.64 -1.07 -12.42
N ASP A 69 -11.67 -1.04 -12.40
CA ASP A 69 -10.72 -1.66 -13.39
CA ASP A 69 -10.81 -1.57 -13.43
C ASP A 69 -9.33 -1.07 -13.25
C ASP A 69 -9.34 -1.23 -13.15
N ASP A 70 -9.09 -0.35 -12.15
CA ASP A 70 -7.75 0.06 -11.76
C ASP A 70 -7.11 -0.96 -10.81
N GLU A 71 -7.80 -2.09 -10.53
CA GLU A 71 -7.29 -3.10 -9.63
C GLU A 71 -5.91 -3.63 -10.03
N SER A 72 -5.76 -4.03 -11.29
N SER A 72 -5.72 -4.05 -11.29
CA SER A 72 -4.51 -4.61 -11.77
CA SER A 72 -4.44 -4.65 -11.66
C SER A 72 -3.37 -3.61 -11.62
C SER A 72 -3.33 -3.60 -11.61
N LEU A 73 -3.65 -2.34 -11.92
CA LEU A 73 -2.66 -1.27 -11.87
C LEU A 73 -2.19 -1.08 -10.43
N LEU A 74 -3.14 -1.02 -9.51
CA LEU A 74 -2.79 -0.82 -8.13
C LEU A 74 -1.93 -1.97 -7.61
N GLY A 75 -2.32 -3.18 -7.93
CA GLY A 75 -1.51 -4.34 -7.65
C GLY A 75 -0.12 -4.25 -8.25
N HIS A 76 -0.01 -3.74 -9.48
CA HIS A 76 1.29 -3.61 -10.11
C HIS A 76 2.18 -2.67 -9.30
N LEU A 77 1.61 -1.59 -8.75
CA LEU A 77 2.43 -0.71 -7.93
C LEU A 77 3.08 -1.49 -6.79
N MET A 78 2.33 -2.40 -6.19
N MET A 78 2.33 -2.41 -6.19
CA MET A 78 2.84 -3.14 -5.06
CA MET A 78 2.85 -3.12 -5.03
C MET A 78 3.90 -4.15 -5.49
C MET A 78 3.89 -4.17 -5.46
N ILE A 79 3.65 -4.84 -6.60
CA ILE A 79 4.62 -5.79 -7.12
C ILE A 79 5.90 -5.07 -7.51
N VAL A 80 5.77 -3.94 -8.19
CA VAL A 80 6.96 -3.16 -8.52
C VAL A 80 7.67 -2.68 -7.28
N GLY A 81 6.87 -2.23 -6.29
CA GLY A 81 7.42 -1.78 -5.03
C GLY A 81 8.28 -2.88 -4.38
N LYS A 82 7.78 -4.12 -4.33
CA LYS A 82 8.49 -5.20 -3.65
C LYS A 82 9.70 -5.62 -4.48
N LYS A 83 9.63 -5.59 -5.79
CA LYS A 83 10.77 -5.89 -6.61
C LYS A 83 11.88 -4.85 -6.45
N CYS A 84 11.51 -3.58 -6.48
CA CYS A 84 12.48 -2.52 -6.30
C CYS A 84 13.11 -2.60 -4.90
N ALA A 85 12.32 -2.92 -3.86
CA ALA A 85 12.87 -3.07 -2.53
C ALA A 85 13.92 -4.17 -2.48
N ALA A 86 13.66 -5.28 -3.17
CA ALA A 86 14.65 -6.35 -3.24
C ALA A 86 15.90 -5.87 -3.99
N ASP A 87 15.70 -5.19 -5.13
N ASP A 87 15.69 -5.15 -5.10
CA ASP A 87 16.84 -4.72 -5.92
CA ASP A 87 16.79 -4.68 -5.94
C ASP A 87 17.67 -3.71 -5.12
C ASP A 87 17.64 -3.66 -5.19
N LEU A 88 17.05 -2.96 -4.22
CA LEU A 88 17.77 -1.98 -3.39
C LEU A 88 18.36 -2.64 -2.12
N GLY A 89 18.20 -3.95 -1.95
CA GLY A 89 18.84 -4.60 -0.82
C GLY A 89 18.13 -4.44 0.50
N LEU A 90 16.81 -4.24 0.47
CA LEU A 90 16.04 -4.11 1.72
C LEU A 90 15.66 -5.49 2.25
N ASN A 91 16.72 -6.15 2.75
N ASN A 91 16.68 -6.31 2.48
CA ASN A 91 16.66 -7.55 3.17
CA ASN A 91 16.46 -7.73 2.78
C ASN A 91 16.11 -7.71 4.59
C ASN A 91 15.78 -7.93 4.14
N LYS A 92 16.06 -6.65 5.38
N LYS A 92 15.91 -6.96 5.05
CA LYS A 92 15.45 -6.80 6.70
CA LYS A 92 15.38 -7.13 6.40
C LYS A 92 13.96 -6.44 6.62
C LYS A 92 13.98 -6.56 6.54
N GLY A 93 13.47 -5.95 5.47
CA GLY A 93 12.07 -5.60 5.38
C GLY A 93 11.83 -4.12 5.05
N TYR A 94 10.55 -3.76 5.06
CA TYR A 94 10.16 -2.41 4.61
C TYR A 94 8.67 -2.25 4.90
N ARG A 95 8.22 -1.01 4.76
CA ARG A 95 6.83 -0.67 4.94
C ARG A 95 6.33 0.04 3.69
N MET A 96 5.16 -0.37 3.22
CA MET A 96 4.50 0.24 2.08
C MET A 96 3.33 1.07 2.62
N VAL A 97 3.13 2.30 2.13
CA VAL A 97 2.10 3.19 2.63
C VAL A 97 1.39 3.90 1.48
N VAL A 98 0.06 3.91 1.49
CA VAL A 98 -0.71 4.79 0.64
C VAL A 98 -1.53 5.71 1.53
N ASN A 99 -1.39 7.02 1.30
CA ASN A 99 -2.10 8.04 2.06
C ASN A 99 -3.29 8.54 1.30
N GLU A 100 -4.46 8.64 1.95
CA GLU A 100 -5.65 9.17 1.30
C GLU A 100 -6.14 10.41 2.03
N GLY A 101 -6.23 11.52 1.30
CA GLY A 101 -6.92 12.66 1.87
C GLY A 101 -6.18 13.32 3.02
N SER A 102 -6.95 14.16 3.73
N SER A 102 -6.86 14.23 3.76
CA SER A 102 -6.42 15.03 4.74
CA SER A 102 -6.18 15.03 4.75
C SER A 102 -5.91 14.22 5.94
C SER A 102 -5.86 14.22 6.02
N ASP A 103 -6.74 13.31 6.45
CA ASP A 103 -6.40 12.48 7.59
C ASP A 103 -5.27 11.49 7.25
N GLY A 104 -5.18 11.09 5.97
CA GLY A 104 -4.07 10.20 5.60
C GLY A 104 -2.74 10.90 5.43
N GLY A 105 -2.74 12.24 5.31
CA GLY A 105 -1.54 13.00 5.07
C GLY A 105 -1.15 13.07 3.60
N GLN A 106 -2.13 13.01 2.70
CA GLN A 106 -1.83 13.10 1.28
C GLN A 106 -1.48 14.53 0.84
N SER A 107 -0.27 14.71 0.34
N SER A 107 -0.32 14.68 0.21
CA SER A 107 0.14 16.03 -0.09
CA SER A 107 0.25 15.99 -0.12
C SER A 107 -0.10 16.21 -1.59
C SER A 107 0.32 16.27 -1.63
N VAL A 108 0.24 15.21 -2.41
CA VAL A 108 0.15 15.32 -3.86
C VAL A 108 -0.99 14.45 -4.32
N TYR A 109 -1.92 15.01 -5.08
CA TYR A 109 -3.12 14.30 -5.45
C TYR A 109 -2.89 13.58 -6.77
N HIS A 110 -1.94 12.63 -6.72
CA HIS A 110 -1.68 11.66 -7.74
C HIS A 110 -1.28 10.41 -6.95
N VAL A 111 -2.03 9.33 -7.14
CA VAL A 111 -1.83 8.17 -6.27
C VAL A 111 -0.36 7.78 -6.24
N HIS A 112 0.12 7.41 -5.04
CA HIS A 112 1.51 7.03 -4.89
C HIS A 112 1.67 6.06 -3.72
N LEU A 113 2.52 5.06 -3.94
CA LEU A 113 2.88 4.11 -2.92
C LEU A 113 4.25 4.47 -2.37
N HIS A 114 4.33 4.77 -1.08
CA HIS A 114 5.61 4.95 -0.41
C HIS A 114 6.17 3.58 -0.05
N VAL A 115 7.50 3.41 -0.18
CA VAL A 115 8.19 2.24 0.32
C VAL A 115 9.37 2.72 1.15
N LEU A 116 9.39 2.39 2.43
CA LEU A 116 10.38 2.85 3.38
C LEU A 116 11.11 1.65 4.00
N GLY A 117 12.41 1.76 4.12
CA GLY A 117 13.16 0.72 4.82
C GLY A 117 14.56 1.19 5.14
N GLY A 118 15.37 0.24 5.61
CA GLY A 118 16.73 0.52 6.03
C GLY A 118 16.87 0.88 7.48
N ARG A 119 15.73 0.93 8.21
CA ARG A 119 15.74 1.06 9.65
C ARG A 119 14.53 0.30 10.16
N GLN A 120 14.49 0.12 11.48
CA GLN A 120 13.29 -0.38 12.13
C GLN A 120 12.16 0.65 12.02
N MET A 121 11.03 0.19 11.41
CA MET A 121 9.82 0.99 11.43
C MET A 121 9.03 0.67 12.71
N HIS A 122 8.35 1.69 13.21
CA HIS A 122 7.68 1.62 14.49
C HIS A 122 6.16 1.53 14.30
N TRP A 123 5.50 1.18 15.42
CA TRP A 123 4.04 1.05 15.43
C TRP A 123 3.54 2.02 16.49
N PRO A 124 2.47 2.80 16.26
CA PRO A 124 1.66 2.78 15.05
C PRO A 124 2.35 3.44 13.87
N PRO A 125 1.83 3.22 12.64
CA PRO A 125 2.45 3.81 11.45
C PRO A 125 1.98 5.26 11.23
N GLY A 126 2.37 6.11 12.17
CA GLY A 126 1.84 7.45 12.28
C GLY A 126 0.49 7.48 12.99
N GLY B 15 3.30 -22.34 7.10
CA GLY B 15 2.59 -22.76 8.32
C GLY B 15 1.40 -21.87 8.62
N ASP B 16 0.42 -22.42 9.35
CA ASP B 16 -0.85 -21.73 9.56
C ASP B 16 -0.61 -20.52 10.44
N THR B 17 -1.50 -19.56 10.35
CA THR B 17 -1.44 -18.41 11.24
C THR B 17 -2.81 -18.12 11.83
N ILE B 18 -2.84 -17.17 12.75
CA ILE B 18 -4.10 -16.72 13.31
C ILE B 18 -5.04 -16.17 12.23
N PHE B 19 -4.47 -15.61 11.17
CA PHE B 19 -5.32 -15.09 10.09
C PHE B 19 -5.94 -16.23 9.29
N GLY B 20 -5.23 -17.38 9.21
CA GLY B 20 -5.84 -18.57 8.62
C GLY B 20 -7.04 -18.99 9.45
N LYS B 21 -6.91 -18.96 10.77
CA LYS B 21 -8.01 -19.37 11.65
C LYS B 21 -9.22 -18.46 11.49
N ILE B 22 -8.98 -17.17 11.30
CA ILE B 22 -10.03 -16.21 11.10
C ILE B 22 -10.73 -16.50 9.77
N ILE B 23 -9.98 -16.72 8.70
CA ILE B 23 -10.58 -17.05 7.40
C ILE B 23 -11.45 -18.30 7.50
N ARG B 24 -10.96 -19.31 8.24
CA ARG B 24 -11.69 -20.57 8.38
C ARG B 24 -12.84 -20.46 9.36
N LYS B 25 -13.05 -19.32 10.02
CA LYS B 25 -14.13 -19.02 10.96
C LYS B 25 -13.97 -19.85 12.24
N GLU B 26 -12.73 -20.22 12.56
CA GLU B 26 -12.41 -20.98 13.76
C GLU B 26 -12.27 -20.10 14.99
N ILE B 27 -11.92 -18.83 14.81
CA ILE B 27 -11.97 -17.90 15.93
C ILE B 27 -12.69 -16.65 15.49
N PRO B 28 -13.30 -15.95 16.45
CA PRO B 28 -14.07 -14.77 16.12
C PRO B 28 -13.25 -13.56 15.68
N ALA B 29 -13.85 -12.84 14.76
CA ALA B 29 -13.40 -11.53 14.32
C ALA B 29 -14.63 -10.77 13.87
N LYS B 30 -14.57 -9.44 13.93
CA LYS B 30 -15.65 -8.60 13.49
C LYS B 30 -15.44 -8.37 12.00
N ILE B 31 -16.19 -9.13 11.21
CA ILE B 31 -16.06 -9.13 9.76
C ILE B 31 -16.83 -7.95 9.19
N ILE B 32 -16.17 -7.24 8.29
CA ILE B 32 -16.72 -6.07 7.61
C ILE B 32 -17.19 -6.47 6.23
N PHE B 33 -16.42 -7.28 5.51
CA PHE B 33 -16.74 -7.66 4.15
C PHE B 33 -16.07 -8.99 3.88
N GLU B 34 -16.67 -9.79 3.02
CA GLU B 34 -16.07 -11.02 2.54
C GLU B 34 -16.47 -11.21 1.07
N ASP B 35 -15.57 -11.81 0.29
CA ASP B 35 -15.94 -12.32 -1.01
C ASP B 35 -15.24 -13.66 -1.18
N ASP B 36 -15.11 -14.11 -2.41
CA ASP B 36 -14.55 -15.42 -2.69
C ASP B 36 -13.04 -15.45 -2.49
N ARG B 37 -12.37 -14.29 -2.40
CA ARG B 37 -10.91 -14.28 -2.45
C ARG B 37 -10.27 -13.41 -1.36
N CYS B 38 -11.07 -12.71 -0.53
CA CYS B 38 -10.52 -11.88 0.54
C CYS B 38 -11.52 -11.71 1.66
N LEU B 39 -11.00 -11.20 2.79
CA LEU B 39 -11.79 -10.94 3.98
C LEU B 39 -11.31 -9.64 4.59
N ALA B 40 -12.24 -8.81 5.00
CA ALA B 40 -11.94 -7.58 5.74
C ALA B 40 -12.58 -7.61 7.13
N PHE B 41 -11.78 -7.29 8.14
CA PHE B 41 -12.19 -7.41 9.53
C PHE B 41 -11.45 -6.41 10.38
N HIS B 42 -12.10 -6.00 11.49
CA HIS B 42 -11.49 -5.04 12.38
C HIS B 42 -10.29 -5.66 13.10
N ASP B 43 -9.24 -4.86 13.24
N ASP B 43 -9.23 -4.85 13.27
CA ASP B 43 -8.03 -5.25 13.96
CA ASP B 43 -7.99 -5.29 13.91
C ASP B 43 -8.34 -5.38 15.45
C ASP B 43 -8.20 -5.31 15.41
N ILE B 44 -7.78 -6.43 16.04
CA ILE B 44 -7.96 -6.63 17.46
C ILE B 44 -7.16 -5.63 18.32
N SER B 45 -6.14 -5.00 17.74
N SER B 45 -6.10 -5.03 17.77
CA SER B 45 -5.28 -4.05 18.43
CA SER B 45 -5.29 -4.04 18.46
C SER B 45 -5.33 -2.71 17.71
C SER B 45 -5.34 -2.72 17.69
N PRO B 46 -6.49 -2.02 17.67
CA PRO B 46 -6.63 -0.87 16.78
C PRO B 46 -5.73 0.29 17.18
N GLN B 47 -5.14 0.95 16.19
CA GLN B 47 -4.23 2.05 16.42
C GLN B 47 -4.83 3.36 15.96
N ALA B 48 -6.11 3.33 15.61
CA ALA B 48 -6.86 4.51 15.22
C ALA B 48 -8.32 4.20 15.54
N PRO B 49 -9.23 5.21 15.55
CA PRO B 49 -10.63 4.93 15.85
C PRO B 49 -11.24 3.89 14.90
N THR B 50 -10.78 3.91 13.63
CA THR B 50 -11.07 2.84 12.69
C THR B 50 -9.74 2.21 12.23
N HIS B 51 -9.65 0.89 12.42
CA HIS B 51 -8.44 0.17 12.04
C HIS B 51 -8.86 -1.24 11.67
N PHE B 52 -8.84 -1.54 10.36
CA PHE B 52 -9.22 -2.84 9.88
C PHE B 52 -8.16 -3.39 8.93
N LEU B 53 -8.28 -4.67 8.67
CA LEU B 53 -7.38 -5.42 7.79
C LEU B 53 -8.16 -5.91 6.60
N VAL B 54 -7.48 -6.02 5.47
CA VAL B 54 -7.99 -6.73 4.30
C VAL B 54 -6.95 -7.78 3.97
N ILE B 55 -7.35 -9.05 3.91
CA ILE B 55 -6.38 -10.11 3.69
C ILE B 55 -6.88 -11.01 2.56
N PRO B 56 -5.95 -11.56 1.77
CA PRO B 56 -6.37 -12.56 0.79
C PRO B 56 -6.69 -13.87 1.48
N LYS B 57 -7.57 -14.68 0.89
CA LYS B 57 -7.78 -16.02 1.38
C LYS B 57 -6.63 -16.92 1.00
N LYS B 58 -5.96 -16.66 -0.12
CA LYS B 58 -4.74 -17.34 -0.49
C LYS B 58 -3.62 -17.07 0.53
N HIS B 59 -2.93 -18.09 1.02
CA HIS B 59 -1.88 -17.89 2.00
C HIS B 59 -0.59 -17.44 1.30
N ILE B 60 -0.44 -16.14 1.16
CA ILE B 60 0.80 -15.50 0.72
C ILE B 60 1.44 -15.06 2.05
N SER B 61 2.63 -15.55 2.34
CA SER B 61 3.20 -15.30 3.68
C SER B 61 3.60 -13.84 3.88
N GLN B 62 4.05 -13.19 2.80
CA GLN B 62 4.57 -11.85 2.88
C GLN B 62 4.66 -11.28 1.48
N ILE B 63 4.57 -9.94 1.41
N ILE B 63 4.56 -9.94 1.35
CA ILE B 63 4.49 -9.26 0.14
CA ILE B 63 4.48 -9.39 0.01
C ILE B 63 5.76 -9.56 -0.68
C ILE B 63 5.77 -9.67 -0.73
N SER B 64 6.90 -9.80 -0.03
CA SER B 64 8.15 -10.02 -0.75
C SER B 64 8.10 -11.31 -1.59
N VAL B 65 7.18 -12.24 -1.28
CA VAL B 65 7.15 -13.51 -2.02
C VAL B 65 5.91 -13.56 -2.90
N ALA B 66 5.14 -12.46 -3.03
CA ALA B 66 4.00 -12.46 -3.94
C ALA B 66 4.45 -12.73 -5.39
N GLU B 67 3.64 -13.51 -6.10
N GLU B 67 3.69 -13.57 -6.10
CA GLU B 67 3.90 -13.90 -7.47
CA GLU B 67 4.01 -13.91 -7.48
C GLU B 67 3.38 -12.78 -8.39
C GLU B 67 3.37 -12.87 -8.39
N ASP B 68 3.91 -12.72 -9.60
CA ASP B 68 3.36 -11.81 -10.60
C ASP B 68 1.86 -12.07 -10.85
N ASP B 69 1.43 -13.33 -10.83
N ASP B 69 1.46 -13.34 -10.85
CA ASP B 69 0.04 -13.67 -11.14
CA ASP B 69 0.08 -13.73 -11.13
C ASP B 69 -0.89 -13.32 -9.97
C ASP B 69 -0.87 -13.14 -10.06
N ASP B 70 -0.31 -12.78 -8.88
CA ASP B 70 -1.08 -12.25 -7.74
C ASP B 70 -1.36 -10.76 -7.84
N GLU B 71 -0.87 -10.08 -8.87
N GLU B 71 -0.90 -10.18 -8.96
CA GLU B 71 -0.97 -8.63 -8.92
CA GLU B 71 -1.02 -8.77 -9.23
C GLU B 71 -2.42 -8.13 -8.84
C GLU B 71 -2.41 -8.27 -8.87
N SER B 72 -3.31 -8.81 -9.57
N SER B 72 -3.45 -8.71 -9.60
CA SER B 72 -4.73 -8.49 -9.57
CA SER B 72 -4.79 -8.22 -9.47
C SER B 72 -5.31 -8.58 -8.16
C SER B 72 -5.41 -8.57 -8.10
N LEU B 73 -5.03 -9.70 -7.49
CA LEU B 73 -5.49 -9.99 -6.14
C LEU B 73 -5.02 -8.93 -5.16
N LEU B 74 -3.76 -8.52 -5.29
CA LEU B 74 -3.26 -7.49 -4.40
C LEU B 74 -4.01 -6.19 -4.61
N GLY B 75 -4.24 -5.83 -5.87
CA GLY B 75 -5.00 -4.63 -6.14
C GLY B 75 -6.43 -4.74 -5.61
N HIS B 76 -7.00 -5.95 -5.69
CA HIS B 76 -8.31 -6.21 -5.13
C HIS B 76 -8.38 -5.92 -3.63
N LEU B 77 -7.33 -6.27 -2.89
CA LEU B 77 -7.29 -5.88 -1.48
C LEU B 77 -7.45 -4.36 -1.28
N MET B 78 -6.78 -3.59 -2.15
N MET B 78 -6.80 -3.57 -2.15
N MET B 78 -6.78 -3.53 -2.11
CA MET B 78 -6.79 -2.13 -2.10
CA MET B 78 -6.81 -2.12 -1.99
CA MET B 78 -6.82 -2.09 -1.93
C MET B 78 -8.17 -1.57 -2.40
C MET B 78 -8.16 -1.53 -2.41
C MET B 78 -8.17 -1.52 -2.40
N ILE B 79 -8.77 -2.07 -3.48
CA ILE B 79 -10.12 -1.66 -3.87
C ILE B 79 -11.16 -2.00 -2.80
N VAL B 80 -11.09 -3.21 -2.25
CA VAL B 80 -11.95 -3.60 -1.12
C VAL B 80 -11.70 -2.70 0.07
N GLY B 81 -10.43 -2.41 0.37
CA GLY B 81 -10.11 -1.53 1.46
C GLY B 81 -10.73 -0.14 1.29
N LYS B 82 -10.63 0.43 0.08
CA LYS B 82 -11.13 1.78 -0.07
C LYS B 82 -12.68 1.78 -0.05
N LYS B 83 -13.33 0.72 -0.52
CA LYS B 83 -14.79 0.60 -0.46
C LYS B 83 -15.24 0.43 0.99
N CYS B 84 -14.50 -0.37 1.76
CA CYS B 84 -14.84 -0.55 3.17
C CYS B 84 -14.64 0.74 3.96
N ALA B 85 -13.61 1.51 3.63
CA ALA B 85 -13.33 2.74 4.33
C ALA B 85 -14.47 3.71 4.10
N ALA B 86 -14.95 3.76 2.85
CA ALA B 86 -16.08 4.64 2.54
C ALA B 86 -17.32 4.18 3.33
N ASP B 87 -17.61 2.88 3.31
N ASP B 87 -17.58 2.87 3.34
CA ASP B 87 -18.77 2.38 4.02
CA ASP B 87 -18.75 2.34 4.03
C ASP B 87 -18.67 2.65 5.53
C ASP B 87 -18.67 2.60 5.52
N LEU B 88 -17.45 2.69 6.08
CA LEU B 88 -17.25 2.91 7.51
C LEU B 88 -17.16 4.40 7.85
N GLY B 89 -17.43 5.26 6.87
CA GLY B 89 -17.54 6.70 7.06
C GLY B 89 -16.22 7.48 7.13
N LEU B 90 -15.12 6.95 6.54
CA LEU B 90 -13.83 7.62 6.60
C LEU B 90 -13.69 8.67 5.50
N ASN B 91 -14.54 9.70 5.55
CA ASN B 91 -14.60 10.69 4.49
C ASN B 91 -13.51 11.76 4.61
N LYS B 92 -12.78 11.82 5.70
CA LYS B 92 -11.71 12.78 5.79
C LYS B 92 -10.36 12.16 5.40
N GLY B 93 -10.36 10.87 5.12
CA GLY B 93 -9.15 10.20 4.67
C GLY B 93 -8.76 9.01 5.53
N TYR B 94 -7.62 8.43 5.15
CA TYR B 94 -7.15 7.23 5.83
C TYR B 94 -5.76 6.88 5.30
N ARG B 95 -5.15 5.90 5.97
CA ARG B 95 -3.85 5.41 5.56
C ARG B 95 -3.89 3.90 5.39
N MET B 96 -3.28 3.45 4.29
CA MET B 96 -3.17 2.03 3.99
C MET B 96 -1.72 1.61 4.18
N VAL B 97 -1.50 0.46 4.85
CA VAL B 97 -0.16 0.04 5.16
C VAL B 97 0.01 -1.45 4.88
N VAL B 98 1.14 -1.85 4.26
CA VAL B 98 1.56 -3.23 4.21
C VAL B 98 2.96 -3.27 4.85
N ASN B 99 3.15 -4.17 5.81
CA ASN B 99 4.41 -4.35 6.50
C ASN B 99 5.08 -5.61 5.96
N GLU B 100 6.39 -5.56 5.75
CA GLU B 100 7.20 -6.70 5.31
C GLU B 100 8.38 -6.90 6.24
N GLY B 101 8.44 -8.09 6.80
CA GLY B 101 9.62 -8.49 7.55
C GLY B 101 9.81 -7.76 8.88
N SER B 102 11.00 -7.98 9.45
N SER B 102 10.97 -7.93 9.51
CA SER B 102 11.39 -7.50 10.75
CA SER B 102 11.18 -7.42 10.85
C SER B 102 11.35 -5.96 10.79
C SER B 102 11.34 -5.91 10.84
N ASP B 103 12.03 -5.35 9.84
CA ASP B 103 12.14 -3.90 9.80
C ASP B 103 10.78 -3.27 9.52
N GLY B 104 9.95 -3.95 8.74
CA GLY B 104 8.59 -3.47 8.46
C GLY B 104 7.62 -3.63 9.61
N GLY B 105 8.00 -4.41 10.62
CA GLY B 105 7.12 -4.66 11.75
C GLY B 105 5.98 -5.57 11.41
N GLN B 106 6.17 -6.48 10.45
CA GLN B 106 5.14 -7.44 10.09
C GLN B 106 4.85 -8.39 11.24
N SER B 107 3.58 -8.36 11.66
N SER B 107 3.59 -8.39 11.69
CA SER B 107 3.18 -9.05 12.90
CA SER B 107 3.25 -9.12 12.91
C SER B 107 2.71 -10.47 12.67
C SER B 107 2.84 -10.55 12.61
N VAL B 108 2.18 -10.78 11.48
CA VAL B 108 1.62 -12.08 11.10
C VAL B 108 2.12 -12.37 9.70
N TYR B 109 2.62 -13.59 9.46
CA TYR B 109 3.15 -13.98 8.18
C TYR B 109 2.01 -14.55 7.31
N HIS B 110 1.07 -13.66 7.06
CA HIS B 110 -0.01 -13.82 6.08
C HIS B 110 -0.22 -12.38 5.60
N VAL B 111 -0.10 -12.14 4.30
N VAL B 111 -0.04 -12.13 4.32
CA VAL B 111 -0.19 -10.78 3.78
CA VAL B 111 -0.02 -10.74 3.89
C VAL B 111 -1.45 -10.09 4.30
C VAL B 111 -1.37 -10.08 4.23
N HIS B 112 -1.29 -8.82 4.70
CA HIS B 112 -2.44 -8.07 5.19
C HIS B 112 -2.27 -6.59 4.91
N LEU B 113 -3.34 -5.97 4.44
CA LEU B 113 -3.39 -4.55 4.23
C LEU B 113 -4.09 -3.92 5.44
N HIS B 114 -3.40 -3.06 6.17
CA HIS B 114 -4.00 -2.24 7.22
C HIS B 114 -4.67 -1.03 6.59
N VAL B 115 -5.84 -0.65 7.13
CA VAL B 115 -6.50 0.60 6.80
C VAL B 115 -6.84 1.31 8.10
N LEU B 116 -6.31 2.52 8.28
CA LEU B 116 -6.47 3.26 9.54
C LEU B 116 -7.04 4.63 9.22
N GLY B 117 -7.99 5.07 10.05
CA GLY B 117 -8.49 6.42 9.94
C GLY B 117 -9.33 6.76 11.16
N GLY B 118 -9.96 7.94 11.03
CA GLY B 118 -10.75 8.45 12.14
C GLY B 118 -9.95 9.38 13.04
N ARG B 119 -8.69 9.64 12.67
CA ARG B 119 -7.82 10.59 13.34
C ARG B 119 -6.80 11.05 12.32
N GLN B 120 -6.14 12.16 12.62
CA GLN B 120 -5.02 12.57 11.82
C GLN B 120 -3.89 11.53 11.95
N MET B 121 -3.46 11.03 10.79
CA MET B 121 -2.29 10.17 10.73
C MET B 121 -1.05 11.04 10.53
N HIS B 122 0.07 10.67 11.15
CA HIS B 122 1.20 11.56 11.22
C HIS B 122 2.35 11.09 10.30
N TRP B 123 3.38 11.93 10.21
CA TRP B 123 4.51 11.61 9.37
C TRP B 123 5.77 11.82 10.21
N PRO B 124 6.75 10.91 10.24
CA PRO B 124 6.81 9.69 9.42
C PRO B 124 5.81 8.59 9.83
N PRO B 125 5.53 7.63 8.91
CA PRO B 125 4.56 6.57 9.19
C PRO B 125 5.19 5.44 10.00
N GLY B 126 5.65 5.77 11.20
CA GLY B 126 6.51 4.91 11.99
C GLY B 126 7.96 5.03 11.59
#